data_9OLB
#
_entry.id   9OLB
#
_cell.length_a   55.550
_cell.length_b   84.963
_cell.length_c   68.018
_cell.angle_alpha   90.00
_cell.angle_beta   113.64
_cell.angle_gamma   90.00
#
_symmetry.space_group_name_H-M   'P 1 21 1'
#
loop_
_entity.id
_entity.type
_entity.pdbx_description
1 polymer 'TNF receptor-associated factor 4'
2 polymer 'Epidermal growth factor receptor'
3 water water
#
loop_
_entity_poly.entity_id
_entity_poly.type
_entity_poly.pdbx_seq_one_letter_code
_entity_poly.pdbx_strand_id
1 'polypeptide(L)'
;MLQELRRELEELSVGSDGVLIWKIGSYGRRLQEAKAKPNLECFSPAFYTHKYGYKLQVSAFLNGNGSGEGTHLSLYIRVL
PGAFDNLLEWPFARRVTFSLLDQSDPGLAKPQHVTETFHPDPNWKNFQKPGTWRGSLDESSLGFGYPKFISHQDIRKRNY
VRDDAVFIRAAVELPRLEGLVPRGSGSSHHHHHH
;
A,B,C
2 'polypeptide(L)' LRVAPQSSEF D
#
# COMPACT_ATOMS: atom_id res chain seq x y z
N ARG A 7 13.13 -21.64 -3.19
CA ARG A 7 11.84 -20.97 -3.32
C ARG A 7 11.93 -19.48 -3.02
N GLU A 8 13.05 -19.04 -2.43
CA GLU A 8 13.22 -17.61 -2.19
C GLU A 8 13.25 -16.83 -3.49
N LEU A 9 13.53 -17.50 -4.62
CA LEU A 9 13.53 -16.86 -5.92
C LEU A 9 12.13 -16.75 -6.52
N GLU A 10 11.30 -17.79 -6.37
CA GLU A 10 9.92 -17.67 -6.77
C GLU A 10 9.27 -16.46 -6.11
N GLU A 11 9.60 -16.22 -4.83
CA GLU A 11 9.06 -15.07 -4.11
C GLU A 11 9.62 -13.76 -4.66
N LEU A 12 10.96 -13.67 -4.77
CA LEU A 12 11.59 -12.47 -5.32
C LEU A 12 11.01 -12.12 -6.67
N SER A 13 10.66 -13.14 -7.47
CA SER A 13 10.11 -12.91 -8.80
C SER A 13 8.66 -12.42 -8.78
N VAL A 14 7.94 -12.61 -7.67
CA VAL A 14 6.54 -12.22 -7.52
C VAL A 14 6.47 -10.90 -6.77
N GLY A 15 6.60 -10.98 -5.45
CA GLY A 15 6.42 -9.88 -4.53
C GLY A 15 6.94 -8.55 -5.04
N SER A 16 6.07 -7.53 -5.02
CA SER A 16 6.42 -6.11 -5.12
C SER A 16 5.17 -5.25 -5.26
N ASP A 17 4.33 -5.52 -6.27
CA ASP A 17 3.31 -4.57 -6.69
C ASP A 17 1.88 -5.11 -6.53
N GLY A 18 1.68 -6.08 -5.64
CA GLY A 18 0.33 -6.51 -5.35
C GLY A 18 -0.35 -7.37 -6.40
N VAL A 19 0.39 -7.88 -7.37
CA VAL A 19 -0.18 -8.75 -8.38
C VAL A 19 0.62 -10.03 -8.40
N LEU A 20 0.00 -11.10 -7.91
CA LEU A 20 0.55 -12.42 -8.10
C LEU A 20 -0.08 -13.04 -9.33
N ILE A 21 0.75 -13.68 -10.15
CA ILE A 21 0.29 -14.63 -11.15
C ILE A 21 1.00 -15.95 -10.88
N TRP A 22 0.22 -17.00 -10.64
CA TRP A 22 0.71 -18.26 -10.08
C TRP A 22 0.40 -19.41 -11.01
N LYS A 23 1.43 -20.06 -11.54
CA LYS A 23 1.21 -21.23 -12.39
C LYS A 23 1.21 -22.47 -11.53
N ILE A 24 0.15 -23.28 -11.66
CA ILE A 24 0.05 -24.59 -11.01
C ILE A 24 0.11 -25.62 -12.12
N GLY A 25 1.21 -26.37 -12.17
CA GLY A 25 1.40 -27.40 -13.16
C GLY A 25 1.12 -28.81 -12.63
N SER A 26 1.19 -29.77 -13.55
CA SER A 26 0.71 -31.13 -13.31
C SER A 26 -0.66 -31.12 -12.65
N TYR A 27 -1.58 -30.36 -13.25
CA TYR A 27 -2.95 -30.25 -12.75
C TYR A 27 -3.62 -31.63 -12.58
N GLY A 28 -3.67 -32.41 -13.68
CA GLY A 28 -4.33 -33.70 -13.62
C GLY A 28 -3.83 -34.57 -12.48
N ARG A 29 -2.50 -34.69 -12.35
CA ARG A 29 -1.93 -35.45 -11.23
C ARG A 29 -2.34 -34.81 -9.91
N ARG A 30 -2.13 -33.50 -9.80
CA ARG A 30 -2.37 -32.82 -8.54
C ARG A 30 -3.83 -32.94 -8.12
N LEU A 31 -4.75 -32.85 -9.08
CA LEU A 31 -6.16 -33.06 -8.78
C LEU A 31 -6.43 -34.49 -8.32
N GLN A 32 -5.74 -35.47 -8.90
CA GLN A 32 -5.94 -36.85 -8.46
C GLN A 32 -5.46 -37.06 -7.04
N GLU A 33 -4.38 -36.40 -6.66
CA GLU A 33 -3.95 -36.55 -5.28
C GLU A 33 -4.87 -35.81 -4.33
N ALA A 34 -5.43 -34.68 -4.77
CA ALA A 34 -6.34 -33.96 -3.88
C ALA A 34 -7.63 -34.76 -3.65
N LYS A 35 -7.98 -35.62 -4.59
CA LYS A 35 -9.06 -36.57 -4.36
C LYS A 35 -8.66 -37.59 -3.29
N ALA A 36 -7.41 -38.05 -3.31
CA ALA A 36 -6.95 -39.03 -2.34
C ALA A 36 -6.70 -38.42 -0.96
N LYS A 37 -6.21 -37.20 -0.89
CA LYS A 37 -6.05 -36.51 0.38
C LYS A 37 -6.89 -35.24 0.33
N PRO A 38 -8.10 -35.22 0.91
CA PRO A 38 -8.90 -33.98 0.85
C PRO A 38 -8.21 -32.81 1.48
N ASN A 39 -7.25 -33.08 2.36
CA ASN A 39 -6.45 -32.09 3.06
C ASN A 39 -5.54 -31.27 2.14
N LEU A 40 -5.24 -31.76 0.95
CA LEU A 40 -4.08 -31.32 0.16
C LEU A 40 -4.31 -29.93 -0.43
N GLU A 41 -3.46 -28.96 -0.04
CA GLU A 41 -3.57 -27.61 -0.59
C GLU A 41 -2.25 -27.17 -1.21
N CYS A 42 -2.36 -26.41 -2.29
CA CYS A 42 -1.22 -25.82 -2.97
C CYS A 42 -0.93 -24.43 -2.40
N PHE A 43 0.32 -24.11 -2.12
CA PHE A 43 0.65 -22.80 -1.58
C PHE A 43 1.35 -21.97 -2.63
N SER A 44 0.83 -20.78 -2.91
CA SER A 44 1.53 -19.86 -3.80
C SER A 44 2.80 -19.33 -3.13
N PRO A 45 3.68 -18.72 -3.90
CA PRO A 45 4.73 -17.92 -3.27
C PRO A 45 4.09 -16.78 -2.49
N ALA A 46 4.66 -16.46 -1.34
CA ALA A 46 4.27 -15.25 -0.64
C ALA A 46 4.55 -14.03 -1.51
N PHE A 47 3.71 -13.02 -1.38
CA PHE A 47 3.92 -11.83 -2.19
C PHE A 47 3.42 -10.63 -1.40
N TYR A 48 4.03 -9.49 -1.68
CA TYR A 48 3.80 -8.26 -0.94
C TYR A 48 2.90 -7.34 -1.74
N THR A 49 2.04 -6.61 -1.02
CA THR A 49 1.10 -5.72 -1.70
C THR A 49 1.79 -4.47 -2.22
N HIS A 50 2.88 -4.03 -1.59
CA HIS A 50 3.71 -2.94 -2.07
C HIS A 50 5.08 -3.09 -1.45
N LYS A 51 6.02 -2.29 -1.91
CA LYS A 51 7.32 -2.24 -1.26
C LYS A 51 7.09 -1.97 0.23
N TYR A 52 7.65 -2.84 1.06
CA TYR A 52 7.49 -2.77 2.52
C TYR A 52 6.02 -2.79 2.94
N GLY A 53 5.21 -3.60 2.22
CA GLY A 53 3.79 -3.72 2.47
C GLY A 53 3.40 -5.02 3.17
N TYR A 54 2.12 -5.37 3.06
CA TYR A 54 1.66 -6.60 3.70
C TYR A 54 2.16 -7.83 2.96
N LYS A 55 2.46 -8.86 3.73
CA LYS A 55 2.76 -10.19 3.19
C LYS A 55 1.49 -10.99 3.04
N LEU A 56 1.27 -11.54 1.85
CA LEU A 56 0.08 -12.31 1.55
C LEU A 56 0.46 -13.64 0.92
N GLN A 57 -0.39 -14.64 1.09
CA GLN A 57 -0.23 -15.91 0.41
C GLN A 57 -1.58 -16.36 -0.06
N VAL A 58 -1.56 -17.14 -1.13
CA VAL A 58 -2.76 -17.72 -1.73
C VAL A 58 -2.68 -19.24 -1.63
N SER A 59 -3.78 -19.86 -1.24
CA SER A 59 -3.85 -21.32 -1.34
C SER A 59 -5.01 -21.75 -2.23
N ALA A 60 -4.79 -22.85 -2.93
CA ALA A 60 -5.78 -23.48 -3.79
C ALA A 60 -5.99 -24.92 -3.36
N PHE A 61 -7.26 -25.33 -3.26
CA PHE A 61 -7.64 -26.73 -3.19
C PHE A 61 -8.21 -27.09 -4.56
N LEU A 62 -7.43 -27.84 -5.34
CA LEU A 62 -7.88 -28.28 -6.65
C LEU A 62 -9.17 -29.09 -6.56
N ASN A 63 -9.38 -29.80 -5.45
CA ASN A 63 -10.58 -30.61 -5.25
C ASN A 63 -11.53 -29.97 -4.25
N GLY A 64 -11.30 -28.71 -3.90
CA GLY A 64 -12.28 -28.01 -3.11
C GLY A 64 -12.11 -28.25 -1.62
N ASN A 65 -12.69 -27.32 -0.87
CA ASN A 65 -12.54 -27.22 0.57
C ASN A 65 -13.88 -26.70 1.07
N GLY A 66 -14.20 -27.03 2.32
CA GLY A 66 -15.46 -26.59 2.89
C GLY A 66 -16.65 -26.90 2.00
N SER A 67 -17.47 -25.88 1.74
CA SER A 67 -18.70 -26.06 0.98
C SER A 67 -18.46 -26.46 -0.47
N GLY A 68 -17.22 -26.48 -0.91
CA GLY A 68 -16.95 -26.80 -2.30
C GLY A 68 -16.15 -28.07 -2.39
N GLU A 69 -15.93 -28.73 -1.25
CA GLU A 69 -15.15 -29.94 -1.28
C GLU A 69 -15.79 -30.95 -2.22
N GLY A 70 -14.96 -31.54 -3.07
CA GLY A 70 -15.39 -32.50 -4.05
C GLY A 70 -15.87 -31.90 -5.35
N THR A 71 -16.41 -30.69 -5.33
CA THR A 71 -17.11 -30.10 -6.47
C THR A 71 -16.36 -28.97 -7.17
N HIS A 72 -15.55 -28.19 -6.45
CA HIS A 72 -15.04 -26.92 -6.94
C HIS A 72 -13.54 -26.77 -6.70
N LEU A 73 -12.94 -25.87 -7.49
CA LEU A 73 -11.68 -25.25 -7.09
C LEU A 73 -11.99 -24.18 -6.06
N SER A 74 -11.22 -24.19 -4.98
CA SER A 74 -11.39 -23.28 -3.84
C SER A 74 -10.15 -22.40 -3.74
N LEU A 75 -10.35 -21.08 -3.68
CA LEU A 75 -9.24 -20.12 -3.64
C LEU A 75 -9.30 -19.30 -2.36
N TYR A 76 -8.20 -19.27 -1.60
CA TYR A 76 -8.14 -18.42 -0.42
C TYR A 76 -6.88 -17.56 -0.44
N ILE A 77 -6.96 -16.45 0.28
CA ILE A 77 -5.84 -15.54 0.48
C ILE A 77 -5.71 -15.23 1.97
N ARG A 78 -4.47 -14.99 2.38
CA ARG A 78 -4.10 -15.03 3.78
C ARG A 78 -3.04 -13.97 4.03
N VAL A 79 -3.08 -13.40 5.24
CA VAL A 79 -2.03 -12.51 5.71
C VAL A 79 -1.00 -13.36 6.46
N LEU A 80 0.27 -13.16 6.12
CA LEU A 80 1.42 -13.76 6.78
C LEU A 80 2.15 -12.74 7.65
N PRO A 81 2.90 -13.19 8.66
CA PRO A 81 3.76 -12.26 9.41
C PRO A 81 4.79 -11.59 8.50
N GLY A 82 4.72 -10.27 8.38
CA GLY A 82 5.61 -9.50 7.53
C GLY A 82 6.64 -8.72 8.33
N ALA A 83 7.86 -8.66 7.81
CA ALA A 83 8.92 -7.86 8.44
C ALA A 83 8.48 -6.44 8.75
N PHE A 84 7.52 -5.92 8.01
CA PHE A 84 7.10 -4.53 8.07
C PHE A 84 5.73 -4.36 8.70
N ASP A 85 5.26 -5.38 9.42
CA ASP A 85 3.91 -5.30 9.97
C ASP A 85 3.77 -4.08 10.89
N ASN A 86 4.79 -3.77 11.70
CA ASN A 86 4.69 -2.68 12.67
C ASN A 86 4.61 -1.31 12.03
N LEU A 87 4.67 -1.22 10.70
CA LEU A 87 4.55 0.03 9.98
C LEU A 87 3.22 0.18 9.26
N LEU A 88 2.35 -0.81 9.30
CA LEU A 88 1.16 -0.78 8.48
C LEU A 88 -0.09 -0.62 9.33
N GLU A 89 -1.16 -0.21 8.66
CA GLU A 89 -2.48 -0.11 9.28
C GLU A 89 -3.11 -1.49 9.47
N TRP A 90 -3.79 -1.68 10.59
CA TRP A 90 -4.49 -2.94 10.80
C TRP A 90 -5.91 -2.70 11.27
N PRO A 91 -6.87 -3.57 10.89
CA PRO A 91 -6.69 -4.78 10.08
C PRO A 91 -6.42 -4.50 8.61
N PHE A 92 -5.91 -5.52 7.92
CA PHE A 92 -5.77 -5.47 6.47
C PHE A 92 -7.14 -5.17 5.88
N ALA A 93 -7.17 -4.22 4.95
CA ALA A 93 -8.44 -3.77 4.40
C ALA A 93 -8.37 -3.46 2.91
N ARG A 94 -7.29 -3.79 2.22
CA ARG A 94 -7.28 -3.66 0.77
C ARG A 94 -8.20 -4.69 0.14
N ARG A 95 -8.84 -4.31 -0.97
CA ARG A 95 -9.74 -5.21 -1.67
C ARG A 95 -8.94 -6.16 -2.56
N VAL A 96 -9.30 -7.45 -2.49
CA VAL A 96 -8.60 -8.54 -3.16
C VAL A 96 -9.43 -9.03 -4.35
N THR A 97 -8.76 -9.32 -5.46
CA THR A 97 -9.46 -9.79 -6.65
C THR A 97 -8.81 -11.06 -7.19
N PHE A 98 -9.48 -12.18 -6.95
CA PHE A 98 -9.07 -13.48 -7.46
C PHE A 98 -9.48 -13.65 -8.91
N SER A 99 -8.62 -14.28 -9.70
CA SER A 99 -8.94 -14.58 -11.08
C SER A 99 -8.29 -15.91 -11.46
N LEU A 100 -9.06 -16.73 -12.17
CA LEU A 100 -8.54 -17.90 -12.85
C LEU A 100 -8.55 -17.63 -14.34
N LEU A 101 -7.40 -17.77 -14.97
CA LEU A 101 -7.20 -17.22 -16.30
C LEU A 101 -7.52 -18.25 -17.39
N ASP A 102 -8.36 -17.83 -18.32
CA ASP A 102 -8.66 -18.55 -19.55
C ASP A 102 -7.49 -18.34 -20.51
N GLN A 103 -6.76 -19.41 -20.82
CA GLN A 103 -5.49 -19.27 -21.53
C GLN A 103 -5.70 -19.36 -23.04
N SER A 104 -6.54 -18.45 -23.55
CA SER A 104 -6.74 -18.27 -24.98
C SER A 104 -6.00 -17.02 -25.42
N ASP A 105 -5.43 -17.06 -26.62
CA ASP A 105 -4.71 -15.90 -27.15
C ASP A 105 -5.60 -14.66 -27.13
N PRO A 106 -5.19 -13.58 -26.45
CA PRO A 106 -6.07 -12.42 -26.33
C PRO A 106 -6.22 -11.63 -27.61
N GLY A 107 -5.26 -11.72 -28.53
CA GLY A 107 -5.49 -11.18 -29.86
C GLY A 107 -6.58 -11.93 -30.60
N LEU A 108 -6.51 -13.26 -30.56
CA LEU A 108 -7.38 -14.13 -31.36
C LEU A 108 -8.74 -14.40 -30.73
N ALA A 109 -9.00 -13.88 -29.52
CA ALA A 109 -10.27 -14.10 -28.82
C ALA A 109 -10.19 -13.50 -27.42
N LYS A 110 -10.98 -12.46 -27.16
CA LYS A 110 -11.00 -11.83 -25.84
C LYS A 110 -11.30 -12.88 -24.77
N PRO A 111 -10.31 -13.27 -23.95
CA PRO A 111 -10.49 -14.43 -23.08
C PRO A 111 -11.49 -14.12 -21.99
N GLN A 112 -12.33 -15.11 -21.68
CA GLN A 112 -13.31 -14.99 -20.62
C GLN A 112 -12.66 -15.50 -19.34
N HIS A 113 -12.28 -14.59 -18.45
CA HIS A 113 -11.70 -14.95 -17.17
C HIS A 113 -12.77 -15.03 -16.10
N VAL A 114 -12.55 -15.91 -15.13
CA VAL A 114 -13.43 -16.00 -13.98
C VAL A 114 -12.82 -15.13 -12.89
N THR A 115 -13.56 -14.12 -12.44
CA THR A 115 -13.01 -13.11 -11.55
C THR A 115 -13.99 -12.77 -10.43
N GLU A 116 -13.47 -12.64 -9.22
CA GLU A 116 -14.28 -12.26 -8.07
C GLU A 116 -13.47 -11.30 -7.23
N THR A 117 -14.17 -10.34 -6.61
CA THR A 117 -13.58 -9.30 -5.77
C THR A 117 -14.26 -9.31 -4.42
N PHE A 118 -13.49 -9.20 -3.35
CA PHE A 118 -14.14 -9.15 -2.05
C PHE A 118 -13.44 -8.17 -1.13
N HIS A 119 -14.26 -7.44 -0.36
CA HIS A 119 -13.77 -6.60 0.71
C HIS A 119 -13.45 -7.51 1.88
N PRO A 120 -12.22 -7.56 2.37
CA PRO A 120 -11.90 -8.49 3.44
C PRO A 120 -12.79 -8.25 4.65
N ASP A 121 -12.97 -9.30 5.44
CA ASP A 121 -13.81 -9.33 6.63
C ASP A 121 -12.99 -8.78 7.80
N PRO A 122 -13.29 -7.57 8.29
CA PRO A 122 -12.47 -7.00 9.36
C PRO A 122 -12.36 -7.89 10.59
N ASN A 123 -13.37 -8.69 10.88
CA ASN A 123 -13.38 -9.49 12.09
C ASN A 123 -12.77 -10.87 11.92
N TRP A 124 -12.07 -11.13 10.81
CA TRP A 124 -11.44 -12.44 10.62
C TRP A 124 -10.07 -12.42 11.31
N LYS A 125 -9.87 -13.39 12.20
CA LYS A 125 -8.65 -13.49 13.01
C LYS A 125 -7.38 -13.31 12.19
N ASN A 126 -7.41 -13.63 10.90
CA ASN A 126 -6.22 -13.59 10.07
C ASN A 126 -6.00 -12.22 9.45
N PHE A 127 -7.07 -11.46 9.19
CA PHE A 127 -6.92 -10.11 8.62
C PHE A 127 -6.48 -9.06 9.64
N GLN A 128 -6.32 -9.43 10.91
CA GLN A 128 -5.74 -8.57 11.92
C GLN A 128 -4.23 -8.83 12.03
N LYS A 129 -3.54 -7.97 12.77
CA LYS A 129 -2.06 -7.98 12.71
C LYS A 129 -1.53 -9.27 13.32
N PRO A 130 -0.65 -9.98 12.61
CA PRO A 130 0.00 -11.17 13.19
C PRO A 130 0.63 -10.88 14.54
N GLY A 131 0.24 -11.64 15.56
CA GLY A 131 0.63 -11.32 16.92
C GLY A 131 -0.56 -11.34 17.85
N THR A 132 -1.71 -10.90 17.34
CA THR A 132 -2.97 -11.11 18.01
C THR A 132 -3.43 -12.54 17.85
N TRP A 133 -4.07 -13.07 18.89
CA TRP A 133 -4.68 -14.40 18.81
C TRP A 133 -6.00 -14.30 18.03
N SER A 140 -5.87 -16.72 13.91
CA SER A 140 -5.72 -17.97 13.17
C SER A 140 -4.95 -17.72 11.89
N SER A 141 -4.26 -18.75 11.43
CA SER A 141 -3.45 -18.67 10.21
C SER A 141 -4.20 -19.24 9.02
N LEU A 142 -5.52 -19.03 8.91
CA LEU A 142 -6.33 -19.87 8.02
C LEU A 142 -6.48 -19.27 6.62
N GLY A 143 -7.27 -18.22 6.47
CA GLY A 143 -7.46 -17.68 5.15
C GLY A 143 -8.92 -17.43 4.83
N PHE A 144 -9.14 -16.84 3.66
CA PHE A 144 -10.44 -16.26 3.32
C PHE A 144 -10.57 -16.26 1.81
N GLY A 145 -11.77 -16.47 1.33
CA GLY A 145 -11.97 -16.52 -0.11
C GLY A 145 -13.13 -17.42 -0.51
N TYR A 146 -13.00 -18.04 -1.68
CA TYR A 146 -14.12 -18.65 -2.39
C TYR A 146 -14.01 -20.16 -2.46
N PRO A 147 -14.74 -20.91 -1.64
CA PRO A 147 -14.69 -22.38 -1.76
C PRO A 147 -15.32 -22.90 -3.03
N LYS A 148 -16.23 -22.15 -3.65
CA LYS A 148 -16.90 -22.56 -4.88
C LYS A 148 -16.49 -21.63 -6.01
N PHE A 149 -15.18 -21.47 -6.21
CA PHE A 149 -14.71 -20.53 -7.22
C PHE A 149 -15.12 -20.95 -8.63
N ILE A 150 -14.78 -22.17 -9.04
CA ILE A 150 -15.22 -22.65 -10.34
C ILE A 150 -15.44 -24.15 -10.23
N SER A 151 -16.42 -24.64 -10.98
CA SER A 151 -16.86 -26.03 -10.91
C SER A 151 -15.96 -26.94 -11.74
N HIS A 152 -15.81 -28.19 -11.29
CA HIS A 152 -15.07 -29.17 -12.07
C HIS A 152 -15.65 -29.26 -13.47
N GLN A 153 -16.97 -29.12 -13.59
CA GLN A 153 -17.60 -29.05 -14.90
C GLN A 153 -17.08 -27.85 -15.66
N ASP A 154 -17.15 -26.67 -15.04
CA ASP A 154 -16.82 -25.44 -15.76
C ASP A 154 -15.31 -25.26 -15.98
N ILE A 155 -14.48 -25.82 -15.09
CA ILE A 155 -13.03 -25.64 -15.24
C ILE A 155 -12.54 -26.21 -16.55
N ARG A 156 -13.18 -27.25 -17.04
CA ARG A 156 -12.80 -27.88 -18.28
C ARG A 156 -13.40 -27.18 -19.49
N LYS A 157 -14.21 -26.16 -19.28
CA LYS A 157 -15.04 -25.68 -20.37
C LYS A 157 -14.32 -24.75 -21.34
N ARG A 158 -13.08 -24.33 -21.10
CA ARG A 158 -12.50 -23.43 -22.09
C ARG A 158 -11.00 -23.64 -22.30
N ASN A 159 -10.19 -22.69 -21.84
CA ASN A 159 -8.75 -22.89 -21.69
C ASN A 159 -8.29 -22.61 -20.28
N TYR A 160 -9.20 -22.67 -19.30
CA TYR A 160 -8.79 -22.55 -17.92
C TYR A 160 -7.75 -23.58 -17.57
N VAL A 161 -7.80 -24.74 -18.20
CA VAL A 161 -6.75 -25.72 -18.07
C VAL A 161 -6.17 -25.89 -19.45
N ARG A 162 -4.92 -25.48 -19.61
CA ARG A 162 -4.21 -25.61 -20.87
C ARG A 162 -2.81 -26.09 -20.57
N ASP A 163 -2.36 -27.10 -21.31
CA ASP A 163 -1.03 -27.67 -21.14
C ASP A 163 -0.84 -28.26 -19.75
N ASP A 164 -1.92 -28.83 -19.18
CA ASP A 164 -1.87 -29.44 -17.84
C ASP A 164 -1.51 -28.41 -16.78
N ALA A 165 -1.93 -27.17 -16.98
CA ALA A 165 -1.55 -26.12 -16.05
C ALA A 165 -2.66 -25.09 -15.94
N VAL A 166 -2.72 -24.45 -14.79
CA VAL A 166 -3.74 -23.47 -14.47
C VAL A 166 -3.07 -22.22 -13.95
N PHE A 167 -3.70 -21.05 -14.18
CA PHE A 167 -3.13 -19.75 -13.80
C PHE A 167 -4.08 -19.03 -12.83
N ILE A 168 -3.65 -18.86 -11.59
CA ILE A 168 -4.39 -18.11 -10.57
C ILE A 168 -3.77 -16.71 -10.41
N ARG A 169 -4.61 -15.68 -10.43
CA ARG A 169 -4.17 -14.30 -10.28
C ARG A 169 -4.82 -13.71 -9.03
N ALA A 170 -4.01 -13.03 -8.21
CA ALA A 170 -4.50 -12.30 -7.04
C ALA A 170 -4.00 -10.86 -7.16
N ALA A 171 -4.92 -9.92 -7.23
CA ALA A 171 -4.55 -8.52 -7.36
C ALA A 171 -5.04 -7.77 -6.15
N VAL A 172 -4.12 -7.08 -5.47
CA VAL A 172 -4.50 -6.13 -4.41
C VAL A 172 -4.84 -4.79 -5.07
N GLU A 173 -6.15 -4.52 -5.19
CA GLU A 173 -6.63 -3.25 -5.70
C GLU A 173 -6.13 -2.11 -4.82
N LEU A 174 -5.08 -1.42 -5.29
CA LEU A 174 -4.58 -0.22 -4.63
C LEU A 174 -4.52 0.92 -5.64
N PRO A 175 -5.50 1.82 -5.66
CA PRO A 175 -5.60 2.78 -6.77
C PRO A 175 -4.60 3.93 -6.59
N ARG A 176 -4.41 4.68 -7.68
CA ARG A 176 -3.38 5.71 -7.72
C ARG A 176 -3.87 6.98 -7.03
N LEU A 177 -3.01 7.55 -6.21
CA LEU A 177 -3.33 8.77 -5.46
C LEU A 177 -2.63 9.92 -6.15
N GLU A 178 -3.36 10.66 -6.97
CA GLU A 178 -2.79 11.77 -7.72
C GLU A 178 -3.46 13.09 -7.34
N GLY A 179 -2.85 14.20 -7.76
CA GLY A 179 -3.49 15.50 -7.68
C GLY A 179 -4.32 15.80 -8.93
N LEU A 180 -5.17 16.81 -8.83
CA LEU A 180 -6.14 17.07 -9.88
C LEU A 180 -5.45 17.66 -11.10
N VAL A 181 -5.87 17.21 -12.27
CA VAL A 181 -5.28 17.76 -13.49
C VAL A 181 -6.08 18.96 -14.00
N ARG B 7 22.49 -13.60 0.43
CA ARG B 7 23.51 -12.56 0.30
C ARG B 7 23.17 -11.56 -0.81
N GLU B 8 23.33 -12.00 -2.08
CA GLU B 8 22.88 -11.16 -3.19
C GLU B 8 21.36 -11.08 -3.24
N LEU B 9 20.68 -12.10 -2.69
CA LEU B 9 19.24 -12.03 -2.50
C LEU B 9 18.84 -10.86 -1.60
N GLU B 10 19.70 -10.47 -0.65
CA GLU B 10 19.42 -9.31 0.18
C GLU B 10 19.36 -8.05 -0.68
N GLU B 11 20.35 -7.85 -1.56
CA GLU B 11 20.33 -6.68 -2.45
C GLU B 11 19.16 -6.71 -3.42
N LEU B 12 18.74 -7.91 -3.84
CA LEU B 12 17.68 -8.02 -4.84
C LEU B 12 16.36 -7.44 -4.31
N SER B 13 16.05 -7.70 -3.03
CA SER B 13 14.77 -7.29 -2.45
C SER B 13 14.57 -5.76 -2.51
N VAL B 14 15.65 -4.99 -2.29
CA VAL B 14 15.59 -3.54 -2.27
C VAL B 14 15.67 -3.03 -3.71
N GLY B 15 16.73 -2.30 -4.04
CA GLY B 15 17.10 -1.98 -5.41
C GLY B 15 16.12 -1.25 -6.33
N SER B 16 16.69 -0.47 -7.27
CA SER B 16 15.97 0.11 -8.44
C SER B 16 14.81 1.02 -8.03
N ASP B 17 14.92 1.70 -6.91
CA ASP B 17 13.76 2.33 -6.29
C ASP B 17 14.06 3.67 -5.60
N GLY B 18 15.23 3.84 -4.99
CA GLY B 18 15.56 5.06 -4.32
C GLY B 18 15.27 5.09 -2.83
N VAL B 19 14.36 4.26 -2.37
CA VAL B 19 14.02 4.17 -0.95
C VAL B 19 14.53 2.83 -0.44
N LEU B 20 15.35 2.87 0.60
CA LEU B 20 15.79 1.69 1.32
C LEU B 20 15.18 1.71 2.71
N ILE B 21 14.39 0.71 3.05
CA ILE B 21 14.01 0.46 4.43
C ILE B 21 14.85 -0.70 4.92
N TRP B 22 15.55 -0.48 6.02
CA TRP B 22 16.53 -1.41 6.56
C TRP B 22 16.13 -1.73 7.98
N LYS B 23 15.73 -2.98 8.24
CA LYS B 23 15.35 -3.39 9.57
C LYS B 23 16.58 -3.96 10.29
N ILE B 24 16.76 -3.57 11.54
CA ILE B 24 17.87 -4.03 12.38
C ILE B 24 17.25 -4.85 13.49
N GLY B 25 17.33 -6.16 13.37
CA GLY B 25 16.77 -7.03 14.38
C GLY B 25 17.73 -7.29 15.52
N SER B 26 17.18 -7.79 16.61
CA SER B 26 17.98 -8.09 17.79
C SER B 26 18.75 -6.84 18.21
N TYR B 27 18.03 -5.72 18.27
CA TYR B 27 18.63 -4.46 18.68
C TYR B 27 19.25 -4.59 20.06
N GLY B 28 18.44 -5.00 21.05
CA GLY B 28 18.93 -5.08 22.42
C GLY B 28 20.25 -5.81 22.51
N ARG B 29 20.31 -7.03 21.95
CA ARG B 29 21.57 -7.76 21.90
C ARG B 29 22.64 -6.95 21.18
N ARG B 30 22.26 -6.24 20.12
CA ARG B 30 23.28 -5.61 19.29
C ARG B 30 23.80 -4.32 19.90
N LEU B 31 22.98 -3.61 20.69
CA LEU B 31 23.48 -2.43 21.38
C LEU B 31 24.50 -2.83 22.45
N GLN B 32 24.16 -3.84 23.26
CA GLN B 32 25.09 -4.38 24.25
C GLN B 32 26.41 -4.78 23.59
N GLU B 33 26.32 -5.53 22.49
CA GLU B 33 27.52 -5.83 21.72
C GLU B 33 28.21 -4.56 21.28
N ALA B 34 27.44 -3.55 20.85
CA ALA B 34 28.03 -2.30 20.42
C ALA B 34 28.69 -1.56 21.58
N LYS B 35 28.16 -1.71 22.79
CA LYS B 35 28.77 -1.06 23.94
C LYS B 35 30.14 -1.65 24.25
N ALA B 36 30.31 -2.95 24.03
CA ALA B 36 31.59 -3.57 24.36
C ALA B 36 32.57 -3.54 23.20
N LYS B 37 32.09 -3.57 21.97
CA LYS B 37 32.97 -3.36 20.83
C LYS B 37 32.78 -1.93 20.34
N PRO B 38 33.73 -1.02 20.55
CA PRO B 38 33.57 0.33 20.00
C PRO B 38 33.81 0.31 18.50
N ASN B 39 33.20 1.29 17.82
CA ASN B 39 33.30 1.42 16.36
C ASN B 39 32.80 0.17 15.64
N LEU B 40 31.77 -0.48 16.20
CA LEU B 40 31.12 -1.63 15.57
C LEU B 40 29.89 -1.14 14.81
N GLU B 41 29.95 -1.13 13.48
CA GLU B 41 28.83 -0.63 12.72
C GLU B 41 28.02 -1.76 12.09
N CYS B 42 26.75 -1.45 11.84
CA CYS B 42 25.86 -2.31 11.09
C CYS B 42 25.82 -1.83 9.65
N PHE B 43 25.73 -2.76 8.72
CA PHE B 43 25.70 -2.43 7.31
C PHE B 43 24.38 -2.90 6.72
N SER B 44 23.80 -2.08 5.87
CA SER B 44 22.58 -2.40 5.18
C SER B 44 22.90 -3.25 3.96
N PRO B 45 21.89 -3.77 3.27
CA PRO B 45 22.11 -4.25 1.91
C PRO B 45 22.37 -3.05 1.02
N ALA B 46 23.29 -3.21 0.07
CA ALA B 46 23.47 -2.19 -0.95
C ALA B 46 22.16 -1.96 -1.69
N PHE B 47 21.99 -0.75 -2.19
CA PHE B 47 20.81 -0.49 -3.00
C PHE B 47 21.17 0.54 -4.07
N TYR B 48 20.24 0.71 -5.00
CA TYR B 48 20.40 1.57 -6.16
C TYR B 48 19.37 2.69 -6.10
N THR B 49 19.80 3.89 -6.48
CA THR B 49 18.92 5.06 -6.44
C THR B 49 17.86 5.01 -7.52
N HIS B 50 18.11 4.29 -8.59
CA HIS B 50 17.18 4.10 -9.68
C HIS B 50 17.75 2.96 -10.48
N LYS B 51 16.94 2.41 -11.38
CA LYS B 51 17.40 1.26 -12.15
C LYS B 51 18.59 1.68 -13.00
N TYR B 52 19.72 1.01 -12.80
CA TYR B 52 20.97 1.38 -13.47
C TYR B 52 21.52 2.70 -12.92
N GLY B 53 21.34 2.92 -11.62
CA GLY B 53 21.77 4.14 -10.99
C GLY B 53 22.94 3.97 -10.05
N TYR B 54 22.96 4.77 -8.99
CA TYR B 54 24.07 4.80 -8.05
C TYR B 54 23.91 3.66 -7.07
N LYS B 55 25.03 3.07 -6.66
CA LYS B 55 25.02 1.99 -5.67
C LYS B 55 25.41 2.56 -4.30
N LEU B 56 24.45 2.64 -3.41
CA LEU B 56 24.65 3.18 -2.08
C LEU B 56 24.59 2.10 -1.02
N GLN B 57 25.10 2.43 0.15
CA GLN B 57 24.99 1.58 1.32
C GLN B 57 24.96 2.44 2.58
N VAL B 58 23.99 2.19 3.42
CA VAL B 58 23.82 2.85 4.70
C VAL B 58 24.60 2.09 5.76
N SER B 59 25.08 2.80 6.77
CA SER B 59 25.68 2.19 7.94
C SER B 59 25.30 3.01 9.17
N ALA B 60 25.40 2.36 10.32
CA ALA B 60 24.88 2.91 11.55
C ALA B 60 25.65 2.31 12.73
N PHE B 61 25.86 3.13 13.75
CA PHE B 61 26.47 2.70 14.99
C PHE B 61 25.36 2.78 16.02
N LEU B 62 24.85 1.61 16.41
CA LEU B 62 23.85 1.59 17.46
C LEU B 62 24.32 2.37 18.68
N ASN B 63 25.63 2.39 18.93
CA ASN B 63 26.20 3.11 20.05
C ASN B 63 26.90 4.40 19.64
N GLY B 64 26.79 4.81 18.39
CA GLY B 64 27.40 6.07 18.00
C GLY B 64 28.89 5.99 17.83
N ASN B 65 29.42 6.87 16.99
CA ASN B 65 30.84 7.12 16.83
C ASN B 65 31.01 8.62 16.59
N GLY B 66 32.25 9.08 16.52
CA GLY B 66 32.47 10.52 16.47
C GLY B 66 31.92 11.22 17.71
N SER B 67 31.34 12.40 17.50
CA SER B 67 30.76 13.12 18.63
C SER B 67 29.65 12.32 19.31
N GLY B 68 28.91 11.52 18.53
CA GLY B 68 27.87 10.72 19.13
C GLY B 68 28.37 9.52 19.86
N GLU B 69 29.69 9.30 19.90
CA GLU B 69 30.22 8.08 20.50
C GLU B 69 29.73 7.91 21.92
N GLY B 70 29.09 6.78 22.17
CA GLY B 70 28.56 6.44 23.46
C GLY B 70 27.23 7.08 23.81
N THR B 71 26.71 7.97 22.96
CA THR B 71 25.54 8.75 23.36
C THR B 71 24.41 8.76 22.34
N HIS B 72 24.73 8.62 21.06
CA HIS B 72 23.75 8.75 20.00
C HIS B 72 23.76 7.52 19.12
N LEU B 73 22.73 7.40 18.29
CA LEU B 73 22.77 6.54 17.13
C LEU B 73 23.34 7.36 15.98
N SER B 74 24.41 6.88 15.38
CA SER B 74 25.06 7.55 14.28
C SER B 74 24.66 6.86 12.97
N LEU B 75 24.48 7.66 11.92
CA LEU B 75 23.87 7.22 10.67
C LEU B 75 24.70 7.77 9.50
N TYR B 76 25.13 6.91 8.59
CA TYR B 76 25.94 7.38 7.46
C TYR B 76 25.54 6.65 6.19
N ILE B 77 25.90 7.24 5.06
CA ILE B 77 25.65 6.65 3.75
C ILE B 77 26.92 6.77 2.92
N ARG B 78 27.28 5.68 2.23
CA ARG B 78 28.49 5.62 1.43
C ARG B 78 28.12 5.37 -0.02
N VAL B 79 28.98 5.75 -0.94
CA VAL B 79 28.80 5.38 -2.34
C VAL B 79 29.59 4.11 -2.60
N LEU B 80 28.95 3.10 -3.13
CA LEU B 80 29.73 1.92 -3.46
C LEU B 80 30.21 1.97 -4.91
N PRO B 81 31.27 1.23 -5.22
CA PRO B 81 31.61 1.01 -6.64
C PRO B 81 30.48 0.30 -7.36
N GLY B 82 30.05 0.88 -8.48
CA GLY B 82 28.88 0.39 -9.19
C GLY B 82 29.14 0.14 -10.66
N ALA B 83 28.36 -0.80 -11.21
CA ALA B 83 28.56 -1.30 -12.57
C ALA B 83 28.28 -0.24 -13.64
N PHE B 84 27.41 0.73 -13.35
CA PHE B 84 26.97 1.72 -14.32
C PHE B 84 27.53 3.10 -14.02
N ASP B 85 28.61 3.16 -13.24
CA ASP B 85 29.14 4.46 -12.80
C ASP B 85 29.50 5.36 -13.98
N ASN B 86 30.05 4.81 -15.07
CA ASN B 86 30.42 5.69 -16.18
C ASN B 86 29.22 6.29 -16.91
N LEU B 87 28.00 5.84 -16.62
CA LEU B 87 26.81 6.44 -17.21
C LEU B 87 26.18 7.54 -16.37
N LEU B 88 26.61 7.72 -15.13
CA LEU B 88 25.97 8.65 -14.24
C LEU B 88 26.76 9.97 -14.17
N GLU B 89 26.18 10.96 -13.49
CA GLU B 89 26.88 12.20 -13.17
C GLU B 89 27.67 12.07 -11.87
N TRP B 90 28.86 12.64 -11.86
CA TRP B 90 29.70 12.68 -10.68
C TRP B 90 30.22 14.11 -10.46
N PRO B 91 30.47 14.51 -9.19
CA PRO B 91 30.27 13.70 -7.98
C PRO B 91 28.80 13.35 -7.74
N PHE B 92 28.53 12.31 -6.95
CA PHE B 92 27.15 12.01 -6.59
C PHE B 92 26.53 13.21 -5.90
N ALA B 93 25.34 13.61 -6.34
CA ALA B 93 24.78 14.84 -5.81
C ALA B 93 23.29 14.75 -5.45
N ARG B 94 22.68 13.59 -5.44
CA ARG B 94 21.24 13.58 -5.26
C ARG B 94 20.90 13.75 -3.80
N ARG B 95 19.81 14.48 -3.53
CA ARG B 95 19.41 14.71 -2.16
C ARG B 95 19.15 13.39 -1.46
N VAL B 96 19.56 13.29 -0.20
CA VAL B 96 19.43 12.08 0.58
C VAL B 96 18.71 12.43 1.87
N THR B 97 17.69 11.63 2.20
CA THR B 97 16.88 11.81 3.40
C THR B 97 16.95 10.57 4.27
N PHE B 98 17.39 10.73 5.52
CA PHE B 98 17.43 9.67 6.51
C PHE B 98 16.22 9.79 7.42
N SER B 99 15.57 8.65 7.68
CA SER B 99 14.50 8.59 8.67
C SER B 99 14.71 7.41 9.60
N LEU B 100 14.41 7.62 10.87
CA LEU B 100 14.36 6.54 11.84
C LEU B 100 12.91 6.40 12.23
N LEU B 101 12.30 5.28 11.86
CA LEU B 101 10.86 5.22 11.83
C LEU B 101 10.28 4.95 13.21
N ASP B 102 9.20 5.67 13.50
CA ASP B 102 8.39 5.47 14.68
C ASP B 102 7.38 4.36 14.36
N GLN B 103 7.54 3.20 14.99
CA GLN B 103 6.79 2.01 14.62
C GLN B 103 5.39 1.98 15.28
N SER B 104 4.57 2.97 14.93
CA SER B 104 3.19 3.05 15.35
C SER B 104 2.28 2.82 14.14
N ASP B 105 1.13 2.15 14.38
CA ASP B 105 0.05 1.98 13.39
C ASP B 105 -0.50 3.34 12.96
N PRO B 106 -0.30 3.72 11.69
CA PRO B 106 -0.78 5.05 11.25
C PRO B 106 -2.22 5.36 11.61
N GLY B 107 -3.11 4.37 11.59
CA GLY B 107 -4.50 4.53 11.92
C GLY B 107 -4.83 4.39 13.37
N LEU B 108 -3.83 4.23 14.21
CA LEU B 108 -4.01 4.28 15.65
C LEU B 108 -3.26 5.44 16.30
N ALA B 109 -2.11 5.84 15.76
CA ALA B 109 -1.37 7.00 16.26
C ALA B 109 -0.47 7.55 15.16
N LYS B 110 -0.34 8.87 15.10
CA LYS B 110 0.52 9.50 14.09
C LYS B 110 1.99 9.23 14.41
N PRO B 111 2.72 8.51 13.58
CA PRO B 111 4.14 8.28 13.87
C PRO B 111 4.92 9.57 13.70
N GLN B 112 5.70 9.92 14.72
CA GLN B 112 6.58 11.08 14.65
C GLN B 112 8.00 10.57 14.40
N HIS B 113 8.34 10.38 13.11
CA HIS B 113 9.66 9.86 12.78
C HIS B 113 10.72 10.90 13.10
N VAL B 114 11.97 10.51 12.97
CA VAL B 114 13.10 11.42 13.16
C VAL B 114 13.82 11.51 11.83
N THR B 115 13.86 12.71 11.25
CA THR B 115 14.28 12.86 9.87
C THR B 115 15.27 14.02 9.72
N GLU B 116 16.26 13.80 8.86
CA GLU B 116 17.24 14.79 8.49
C GLU B 116 17.54 14.67 7.01
N THR B 117 17.79 15.81 6.36
CA THR B 117 18.03 15.82 4.92
C THR B 117 19.27 16.61 4.58
N PHE B 118 20.09 16.06 3.70
CA PHE B 118 21.29 16.78 3.29
C PHE B 118 21.55 16.61 1.80
N HIS B 119 22.12 17.63 1.22
CA HIS B 119 22.67 17.60 -0.12
C HIS B 119 24.12 17.15 -0.06
N PRO B 120 24.52 16.14 -0.83
CA PRO B 120 25.89 15.63 -0.71
C PRO B 120 26.94 16.70 -0.98
N ASP B 121 27.94 16.77 -0.12
CA ASP B 121 29.05 17.70 -0.31
C ASP B 121 29.86 17.30 -1.53
N PRO B 122 30.04 18.20 -2.51
CA PRO B 122 30.85 17.83 -3.69
C PRO B 122 32.32 17.62 -3.36
N ASN B 123 32.78 18.02 -2.19
CA ASN B 123 34.19 17.87 -1.88
C ASN B 123 34.52 16.60 -1.13
N TRP B 124 33.50 15.87 -0.67
CA TRP B 124 33.71 14.61 0.02
C TRP B 124 34.29 13.57 -0.95
N LYS B 125 35.34 12.88 -0.52
CA LYS B 125 36.01 11.97 -1.43
C LYS B 125 35.07 10.86 -1.87
N ASN B 126 34.23 10.36 -0.96
CA ASN B 126 33.43 9.18 -1.29
C ASN B 126 32.30 9.45 -2.27
N PHE B 127 31.83 10.70 -2.37
CA PHE B 127 30.87 11.06 -3.40
C PHE B 127 31.53 11.29 -4.75
N GLN B 128 32.85 11.22 -4.83
CA GLN B 128 33.55 11.24 -6.09
C GLN B 128 33.43 9.87 -6.73
N LYS B 129 33.56 9.83 -8.05
CA LYS B 129 33.30 8.58 -8.74
C LYS B 129 34.33 7.53 -8.36
N PRO B 130 33.90 6.30 -8.08
CA PRO B 130 34.84 5.28 -7.59
C PRO B 130 36.00 5.07 -8.56
N GLY B 131 37.22 5.11 -8.03
CA GLY B 131 38.41 5.03 -8.85
C GLY B 131 39.20 6.32 -9.04
N THR B 132 38.78 7.44 -8.45
CA THR B 132 39.65 8.60 -8.29
C THR B 132 40.29 8.53 -6.88
N TRP B 133 41.06 9.56 -6.54
CA TRP B 133 41.71 9.66 -5.22
C TRP B 133 42.27 11.07 -4.95
N SER B 141 36.46 3.67 1.27
CA SER B 141 36.15 5.03 1.65
C SER B 141 35.07 5.07 2.74
N LEU B 142 34.99 6.20 3.43
CA LEU B 142 34.15 6.34 4.61
C LEU B 142 32.86 7.07 4.27
N GLY B 143 31.85 6.83 5.10
CA GLY B 143 30.54 7.41 4.86
C GLY B 143 30.43 8.87 5.24
N PHE B 144 29.22 9.38 5.05
CA PHE B 144 28.86 10.77 5.29
C PHE B 144 27.51 10.78 5.98
N GLY B 145 27.37 11.58 7.02
CA GLY B 145 26.07 11.54 7.70
C GLY B 145 26.11 12.21 9.05
N TYR B 146 25.25 11.72 9.93
CA TYR B 146 24.95 12.36 11.20
C TYR B 146 25.55 11.57 12.35
N PRO B 147 26.59 12.05 13.02
CA PRO B 147 27.07 11.35 14.22
C PRO B 147 26.11 11.39 15.37
N LYS B 148 25.21 12.38 15.40
CA LYS B 148 24.25 12.52 16.49
C LYS B 148 22.81 12.48 15.95
N PHE B 149 22.48 11.46 15.16
CA PHE B 149 21.17 11.39 14.53
C PHE B 149 20.05 11.36 15.58
N ILE B 150 20.19 10.56 16.62
CA ILE B 150 19.19 10.50 17.68
C ILE B 150 19.90 10.14 18.98
N SER B 151 19.43 10.69 20.08
CA SER B 151 20.03 10.38 21.38
C SER B 151 19.46 9.08 21.95
N HIS B 152 20.29 8.40 22.76
CA HIS B 152 19.85 7.21 23.47
C HIS B 152 18.59 7.48 24.29
N GLN B 153 18.56 8.60 25.02
CA GLN B 153 17.34 8.96 25.75
C GLN B 153 16.14 9.02 24.81
N ASP B 154 16.36 9.54 23.60
CA ASP B 154 15.27 9.75 22.64
C ASP B 154 14.88 8.45 21.94
N ILE B 155 15.84 7.60 21.60
CA ILE B 155 15.52 6.36 20.93
C ILE B 155 14.60 5.50 21.78
N ARG B 156 14.62 5.69 23.10
CA ARG B 156 13.75 4.92 23.99
C ARG B 156 12.36 5.51 24.09
N LYS B 157 12.07 6.64 23.43
CA LYS B 157 10.95 7.47 23.82
C LYS B 157 9.61 6.94 23.31
N ARG B 158 9.55 6.51 22.05
CA ARG B 158 8.24 6.25 21.44
C ARG B 158 8.21 4.81 21.02
N ASN B 159 7.94 4.52 19.76
CA ASN B 159 8.13 3.20 19.19
C ASN B 159 9.24 3.20 18.15
N TYR B 160 10.28 4.03 18.37
CA TYR B 160 11.49 3.90 17.56
C TYR B 160 12.12 2.52 17.72
N VAL B 161 11.87 1.87 18.85
CA VAL B 161 12.26 0.49 19.10
C VAL B 161 11.00 -0.33 19.40
N ARG B 162 10.85 -1.44 18.69
CA ARG B 162 9.65 -2.27 18.83
C ARG B 162 9.98 -3.68 18.36
N ASP B 163 9.52 -4.68 19.13
CA ASP B 163 9.86 -6.07 18.88
C ASP B 163 11.37 -6.25 18.71
N ASP B 164 12.14 -5.47 19.47
CA ASP B 164 13.60 -5.54 19.46
C ASP B 164 14.17 -5.28 18.07
N ALA B 165 13.54 -4.37 17.34
CA ALA B 165 13.99 -3.96 16.01
C ALA B 165 13.84 -2.45 15.85
N VAL B 166 14.67 -1.88 14.98
CA VAL B 166 14.52 -0.50 14.56
C VAL B 166 14.53 -0.44 13.04
N PHE B 167 13.81 0.52 12.50
CA PHE B 167 13.70 0.69 11.05
C PHE B 167 14.42 1.97 10.64
N ILE B 168 15.47 1.84 9.83
CA ILE B 168 16.16 2.97 9.23
C ILE B 168 15.69 3.11 7.80
N ARG B 169 15.36 4.33 7.39
CA ARG B 169 14.91 4.61 6.04
C ARG B 169 15.85 5.62 5.37
N ALA B 170 16.28 5.31 4.18
CA ALA B 170 17.04 6.25 3.36
C ALA B 170 16.33 6.39 2.02
N ALA B 171 16.07 7.63 1.64
CA ALA B 171 15.38 7.91 0.39
C ALA B 171 16.20 8.93 -0.40
N VAL B 172 16.44 8.64 -1.67
CA VAL B 172 17.30 9.46 -2.50
C VAL B 172 16.44 10.15 -3.54
N GLU B 173 16.27 11.46 -3.39
CA GLU B 173 15.43 12.26 -4.26
C GLU B 173 15.80 12.03 -5.73
N LEU B 174 14.81 11.57 -6.50
CA LEU B 174 15.02 11.22 -7.90
C LEU B 174 14.57 12.36 -8.80
N ARG C 7 -26.71 29.80 1.20
CA ARG C 7 -25.75 28.86 0.62
C ARG C 7 -24.94 28.14 1.70
N GLU C 8 -24.27 28.91 2.59
CA GLU C 8 -23.64 28.35 3.78
C GLU C 8 -24.64 27.66 4.71
N LEU C 9 -25.94 27.74 4.40
CA LEU C 9 -26.97 26.94 5.06
C LEU C 9 -26.77 25.44 4.82
N GLU C 10 -25.91 25.06 3.89
CA GLU C 10 -25.54 23.66 3.69
C GLU C 10 -24.21 23.29 4.33
N GLU C 11 -23.28 24.25 4.47
CA GLU C 11 -22.06 24.02 5.24
C GLU C 11 -22.38 23.68 6.69
N LEU C 12 -23.45 24.23 7.23
CA LEU C 12 -23.83 23.97 8.61
C LEU C 12 -24.68 22.71 8.74
N SER C 13 -25.27 22.22 7.65
CA SER C 13 -25.99 20.95 7.72
C SER C 13 -25.04 19.77 7.84
N VAL C 14 -23.77 19.95 7.47
CA VAL C 14 -22.77 18.87 7.55
C VAL C 14 -21.76 19.21 8.64
N GLY C 15 -20.91 20.19 8.36
CA GLY C 15 -19.68 20.47 9.08
C GLY C 15 -19.76 20.51 10.59
N SER C 16 -19.45 19.39 11.24
CA SER C 16 -19.29 19.34 12.69
C SER C 16 -18.29 18.25 13.06
N ASP C 17 -18.61 16.99 12.74
CA ASP C 17 -17.87 15.83 13.21
C ASP C 17 -17.00 15.21 12.13
N GLY C 18 -16.68 15.96 11.08
CA GLY C 18 -15.76 15.47 10.08
C GLY C 18 -16.26 14.34 9.21
N VAL C 19 -17.58 14.14 9.13
CA VAL C 19 -18.14 13.16 8.24
C VAL C 19 -19.17 13.90 7.39
N LEU C 20 -18.80 14.16 6.15
CA LEU C 20 -19.72 14.66 5.15
C LEU C 20 -20.29 13.49 4.36
N ILE C 21 -21.61 13.51 4.14
CA ILE C 21 -22.21 12.67 3.11
C ILE C 21 -22.84 13.60 2.10
N TRP C 22 -22.53 13.36 0.82
CA TRP C 22 -22.81 14.30 -0.26
C TRP C 22 -23.61 13.56 -1.33
N LYS C 23 -24.84 14.00 -1.56
CA LYS C 23 -25.78 13.34 -2.48
C LYS C 23 -25.76 14.09 -3.79
N ILE C 24 -25.23 13.43 -4.83
CA ILE C 24 -25.25 13.94 -6.20
C ILE C 24 -26.51 13.39 -6.84
N GLY C 25 -27.51 14.26 -6.98
CA GLY C 25 -28.73 13.90 -7.68
C GLY C 25 -28.65 14.23 -9.16
N SER C 26 -29.73 13.90 -9.86
CA SER C 26 -29.77 13.85 -11.32
C SER C 26 -28.47 13.31 -11.89
N TYR C 27 -28.06 12.14 -11.38
CA TYR C 27 -26.82 11.55 -11.86
C TYR C 27 -26.88 11.32 -13.36
N GLY C 28 -28.02 10.85 -13.86
CA GLY C 28 -28.11 10.54 -15.28
C GLY C 28 -27.90 11.75 -16.17
N ARG C 29 -28.60 12.85 -15.87
CA ARG C 29 -28.40 14.05 -16.66
C ARG C 29 -26.96 14.56 -16.53
N ARG C 30 -26.42 14.54 -15.31
CA ARG C 30 -25.11 15.12 -15.06
C ARG C 30 -24.00 14.31 -15.71
N LEU C 31 -24.16 13.00 -15.79
CA LEU C 31 -23.19 12.20 -16.54
C LEU C 31 -23.13 12.65 -18.00
N GLN C 32 -24.30 12.78 -18.63
CA GLN C 32 -24.39 13.25 -20.01
C GLN C 32 -23.64 14.57 -20.19
N GLU C 33 -24.00 15.57 -19.39
CA GLU C 33 -23.29 16.86 -19.43
C GLU C 33 -21.78 16.67 -19.40
N ALA C 34 -21.29 15.85 -18.46
CA ALA C 34 -19.85 15.64 -18.33
C ALA C 34 -19.26 14.90 -19.53
N LYS C 35 -20.06 14.14 -20.26
CA LYS C 35 -19.54 13.61 -21.51
C LYS C 35 -19.47 14.71 -22.57
N ALA C 36 -20.52 15.54 -22.67
CA ALA C 36 -20.50 16.68 -23.57
C ALA C 36 -19.50 17.76 -23.16
N LYS C 37 -19.01 17.73 -21.94
CA LYS C 37 -18.02 18.69 -21.48
C LYS C 37 -17.20 18.03 -20.40
N PRO C 38 -16.06 17.43 -20.74
CA PRO C 38 -15.11 17.01 -19.70
C PRO C 38 -14.69 18.20 -18.88
N ASN C 39 -13.86 18.01 -17.86
CA ASN C 39 -13.47 19.07 -16.92
C ASN C 39 -14.67 19.64 -16.18
N LEU C 40 -15.85 19.04 -16.37
CA LEU C 40 -17.07 19.43 -15.66
C LEU C 40 -17.11 18.69 -14.33
N GLU C 41 -16.91 19.41 -13.22
CA GLU C 41 -16.84 18.77 -11.92
C GLU C 41 -17.96 19.26 -11.01
N CYS C 42 -18.44 18.35 -10.17
CA CYS C 42 -19.33 18.67 -9.07
C CYS C 42 -18.55 18.99 -7.81
N PHE C 43 -19.13 19.85 -6.97
CA PHE C 43 -18.54 20.19 -5.70
C PHE C 43 -19.53 19.92 -4.59
N SER C 44 -19.04 19.38 -3.50
CA SER C 44 -19.84 19.21 -2.31
C SER C 44 -19.91 20.54 -1.59
N PRO C 45 -20.79 20.67 -0.60
CA PRO C 45 -20.69 21.83 0.28
C PRO C 45 -19.35 21.75 1.01
N ALA C 46 -18.75 22.91 1.23
CA ALA C 46 -17.66 22.99 2.19
C ALA C 46 -18.09 22.43 3.55
N PHE C 47 -17.19 21.75 4.23
CA PHE C 47 -17.47 21.27 5.58
C PHE C 47 -16.23 21.43 6.45
N TYR C 48 -16.43 21.31 7.76
CA TYR C 48 -15.36 21.41 8.74
C TYR C 48 -15.08 20.03 9.32
N THR C 49 -13.78 19.76 9.53
CA THR C 49 -13.34 18.47 10.03
C THR C 49 -13.64 18.30 11.51
N HIS C 50 -13.59 19.40 12.26
CA HIS C 50 -14.04 19.45 13.63
C HIS C 50 -14.55 20.86 13.88
N LYS C 51 -15.24 21.06 15.01
CA LYS C 51 -15.64 22.41 15.40
C LYS C 51 -14.41 23.30 15.51
N TYR C 52 -14.35 24.32 14.66
CA TYR C 52 -13.24 25.28 14.62
C TYR C 52 -11.99 24.63 14.05
N GLY C 53 -12.17 23.73 13.08
CA GLY C 53 -11.09 23.03 12.44
C GLY C 53 -10.88 23.45 10.98
N TYR C 54 -10.29 22.54 10.22
CA TYR C 54 -10.04 22.78 8.82
C TYR C 54 -11.33 22.81 8.00
N LYS C 55 -11.32 23.60 6.94
CA LYS C 55 -12.42 23.71 5.98
C LYS C 55 -12.02 22.95 4.72
N LEU C 56 -12.69 21.84 4.45
CA LEU C 56 -12.41 21.03 3.28
C LEU C 56 -13.61 21.03 2.35
N GLN C 57 -13.38 20.62 1.10
CA GLN C 57 -14.43 20.46 0.13
C GLN C 57 -14.12 19.30 -0.79
N VAL C 58 -15.16 18.53 -1.13
CA VAL C 58 -15.02 17.38 -2.00
C VAL C 58 -15.48 17.75 -3.40
N SER C 59 -14.93 17.03 -4.38
CA SER C 59 -15.10 17.33 -5.78
C SER C 59 -15.14 16.01 -6.55
N ALA C 60 -15.99 15.94 -7.58
CA ALA C 60 -16.18 14.73 -8.36
C ALA C 60 -16.22 15.02 -9.86
N PHE C 61 -15.61 14.14 -10.64
CA PHE C 61 -15.75 14.11 -12.09
C PHE C 61 -16.57 12.88 -12.44
N LEU C 62 -17.82 13.08 -12.85
CA LEU C 62 -18.66 11.94 -13.16
C LEU C 62 -18.14 11.18 -14.36
N ASN C 63 -17.47 11.86 -15.28
CA ASN C 63 -16.88 11.22 -16.45
C ASN C 63 -15.36 11.24 -16.40
N GLY C 64 -14.79 11.26 -15.20
CA GLY C 64 -13.37 11.10 -15.08
C GLY C 64 -12.57 12.36 -15.33
N ASN C 65 -11.40 12.41 -14.70
CA ASN C 65 -10.42 13.45 -14.93
C ASN C 65 -9.05 12.81 -14.98
N GLY C 66 -8.16 13.39 -15.79
CA GLY C 66 -6.83 12.83 -15.92
C GLY C 66 -6.88 11.41 -16.44
N SER C 67 -6.00 10.57 -15.88
CA SER C 67 -5.99 9.16 -16.24
C SER C 67 -7.32 8.45 -16.03
N GLY C 68 -8.27 9.06 -15.33
CA GLY C 68 -9.58 8.46 -15.22
C GLY C 68 -10.58 8.95 -16.24
N GLU C 69 -10.16 9.83 -17.14
CA GLU C 69 -11.11 10.51 -18.00
C GLU C 69 -11.80 9.53 -18.94
N GLY C 70 -13.09 9.77 -19.17
CA GLY C 70 -13.92 8.93 -20.03
C GLY C 70 -14.25 7.53 -19.51
N THR C 71 -13.58 7.05 -18.46
CA THR C 71 -13.79 5.68 -18.00
C THR C 71 -14.08 5.51 -16.52
N HIS C 72 -13.71 6.45 -15.65
CA HIS C 72 -13.88 6.29 -14.21
C HIS C 72 -14.62 7.48 -13.63
N LEU C 73 -15.08 7.31 -12.39
CA LEU C 73 -15.41 8.42 -11.52
C LEU C 73 -14.13 8.84 -10.81
N SER C 74 -13.91 10.16 -10.70
CA SER C 74 -12.73 10.71 -10.04
C SER C 74 -13.18 11.52 -8.83
N LEU C 75 -12.56 11.24 -7.68
CA LEU C 75 -12.89 11.88 -6.42
C LEU C 75 -11.68 12.64 -5.92
N TYR C 76 -11.89 13.89 -5.53
CA TYR C 76 -10.81 14.72 -5.05
C TYR C 76 -11.25 15.48 -3.81
N ILE C 77 -10.30 15.75 -2.92
CA ILE C 77 -10.56 16.60 -1.78
C ILE C 77 -9.53 17.72 -1.78
N ARG C 78 -9.80 18.74 -0.97
CA ARG C 78 -9.26 20.06 -1.19
C ARG C 78 -9.42 20.86 0.09
N VAL C 79 -8.37 21.53 0.51
CA VAL C 79 -8.43 22.43 1.65
C VAL C 79 -8.88 23.79 1.15
N LEU C 80 -9.72 24.47 1.92
CA LEU C 80 -10.11 25.85 1.67
C LEU C 80 -9.58 26.75 2.75
N PRO C 81 -9.45 28.05 2.47
CA PRO C 81 -9.10 28.99 3.55
C PRO C 81 -10.18 28.99 4.63
N GLY C 82 -9.74 28.88 5.88
CA GLY C 82 -10.65 28.77 7.00
C GLY C 82 -10.41 29.85 8.05
N ALA C 83 -11.51 30.31 8.65
CA ALA C 83 -11.44 31.34 9.69
C ALA C 83 -10.44 31.00 10.78
N PHE C 84 -10.36 29.72 11.16
CA PHE C 84 -9.61 29.29 12.32
C PHE C 84 -8.24 28.73 11.95
N ASP C 85 -7.75 29.01 10.72
CA ASP C 85 -6.53 28.39 10.22
C ASP C 85 -5.34 28.66 11.11
N ASN C 86 -5.26 29.86 11.69
CA ASN C 86 -4.13 30.22 12.53
C ASN C 86 -4.05 29.40 13.81
N LEU C 87 -5.02 28.53 14.07
CA LEU C 87 -5.08 27.73 15.29
C LEU C 87 -4.70 26.29 15.07
N LEU C 88 -4.43 25.88 13.84
CA LEU C 88 -4.33 24.47 13.47
C LEU C 88 -2.94 24.12 12.96
N GLU C 89 -2.61 22.83 13.08
CA GLU C 89 -1.35 22.34 12.56
C GLU C 89 -1.35 22.36 11.04
N TRP C 90 -0.28 22.86 10.46
CA TRP C 90 -0.11 22.72 9.02
C TRP C 90 1.18 21.97 8.73
N PRO C 91 1.21 21.09 7.70
CA PRO C 91 0.17 20.83 6.70
C PRO C 91 -0.95 19.96 7.21
N PHE C 92 -2.08 20.02 6.52
CA PHE C 92 -3.23 19.18 6.86
C PHE C 92 -2.83 17.72 6.74
N ALA C 93 -3.10 16.93 7.79
CA ALA C 93 -2.60 15.56 7.80
C ALA C 93 -3.53 14.58 8.53
N ARG C 94 -4.83 14.83 8.53
CA ARG C 94 -5.72 13.84 9.11
C ARG C 94 -6.08 12.79 8.06
N ARG C 95 -6.35 11.59 8.52
CA ARG C 95 -6.67 10.51 7.58
C ARG C 95 -7.93 10.89 6.85
N VAL C 96 -7.95 10.66 5.54
CA VAL C 96 -9.12 10.94 4.71
C VAL C 96 -9.68 9.62 4.22
N THR C 97 -11.00 9.47 4.28
CA THR C 97 -11.65 8.24 3.83
C THR C 97 -12.81 8.55 2.90
N PHE C 98 -12.72 8.07 1.67
CA PHE C 98 -13.77 8.18 0.68
C PHE C 98 -14.57 6.89 0.65
N SER C 99 -15.84 7.03 0.29
CA SER C 99 -16.72 5.90 0.13
C SER C 99 -17.74 6.26 -0.92
N LEU C 100 -17.91 5.42 -1.94
CA LEU C 100 -19.10 5.49 -2.77
C LEU C 100 -20.05 4.44 -2.23
N LEU C 101 -21.17 4.91 -1.69
CA LEU C 101 -22.04 4.03 -0.93
C LEU C 101 -22.87 3.17 -1.86
N ASP C 102 -23.02 1.90 -1.48
CA ASP C 102 -23.92 0.97 -2.14
C ASP C 102 -25.26 1.07 -1.40
N GLN C 103 -26.28 1.61 -2.07
CA GLN C 103 -27.57 1.78 -1.43
C GLN C 103 -28.41 0.49 -1.44
N SER C 104 -27.78 -0.64 -1.18
CA SER C 104 -28.50 -1.88 -1.02
C SER C 104 -29.24 -1.88 0.32
N ASP C 105 -30.28 -2.70 0.41
CA ASP C 105 -31.07 -2.72 1.63
C ASP C 105 -30.21 -3.23 2.78
N PRO C 106 -29.91 -2.39 3.77
CA PRO C 106 -29.16 -2.88 4.94
C PRO C 106 -29.89 -3.98 5.65
N GLY C 107 -31.22 -3.95 5.61
CA GLY C 107 -32.03 -5.07 6.01
C GLY C 107 -31.57 -6.35 5.35
N LEU C 108 -31.69 -6.47 4.02
CA LEU C 108 -31.37 -7.71 3.31
C LEU C 108 -29.94 -8.18 3.57
N ALA C 109 -28.95 -7.57 2.93
CA ALA C 109 -27.57 -7.93 3.16
C ALA C 109 -26.71 -6.67 3.21
N LYS C 110 -25.72 -6.68 4.12
CA LYS C 110 -24.84 -5.53 4.32
C LYS C 110 -24.29 -5.07 2.97
N PRO C 111 -24.40 -3.79 2.65
CA PRO C 111 -23.95 -3.31 1.34
C PRO C 111 -22.43 -3.25 1.27
N GLN C 112 -21.92 -3.25 0.04
CA GLN C 112 -20.48 -3.32 -0.25
C GLN C 112 -20.02 -1.99 -0.84
N HIS C 113 -19.53 -1.11 0.03
CA HIS C 113 -19.10 0.21 -0.38
C HIS C 113 -17.72 0.15 -1.02
N VAL C 114 -17.50 1.03 -1.98
CA VAL C 114 -16.16 1.24 -2.52
C VAL C 114 -15.47 2.31 -1.65
N THR C 115 -14.46 1.91 -0.90
CA THR C 115 -13.82 2.79 0.05
C THR C 115 -12.31 2.85 -0.20
N GLU C 116 -11.76 4.07 -0.12
CA GLU C 116 -10.32 4.28 -0.05
C GLU C 116 -10.00 5.24 1.07
N THR C 117 -8.89 4.99 1.76
CA THR C 117 -8.41 5.87 2.79
C THR C 117 -6.99 6.28 2.46
N PHE C 118 -6.64 7.51 2.77
CA PHE C 118 -5.32 7.98 2.43
C PHE C 118 -4.89 9.06 3.40
N HIS C 119 -3.61 9.20 3.53
CA HIS C 119 -3.08 10.31 4.28
C HIS C 119 -2.67 11.40 3.32
N PRO C 120 -3.04 12.65 3.56
CA PRO C 120 -2.68 13.72 2.64
C PRO C 120 -1.17 13.84 2.52
N ASP C 121 -0.70 14.10 1.30
CA ASP C 121 0.73 14.14 1.02
C ASP C 121 1.27 15.53 1.33
N PRO C 122 2.29 15.66 2.20
CA PRO C 122 2.76 17.00 2.60
C PRO C 122 3.27 17.86 1.45
N ASN C 123 3.74 17.27 0.36
CA ASN C 123 4.30 18.08 -0.71
C ASN C 123 3.23 18.71 -1.59
N TRP C 124 1.97 18.31 -1.44
CA TRP C 124 0.88 18.84 -2.25
C TRP C 124 0.45 20.18 -1.68
N LYS C 125 0.78 21.26 -2.41
CA LYS C 125 0.74 22.60 -1.83
C LYS C 125 -0.65 22.95 -1.30
N ASN C 126 -1.71 22.37 -1.88
CA ASN C 126 -3.06 22.66 -1.41
C ASN C 126 -3.28 22.26 0.05
N PHE C 127 -2.50 21.32 0.59
CA PHE C 127 -2.59 20.95 2.00
C PHE C 127 -1.71 21.78 2.90
N GLN C 128 -1.02 22.77 2.36
CA GLN C 128 -0.23 23.72 3.13
C GLN C 128 -1.09 24.93 3.49
N LYS C 129 -0.77 25.55 4.63
CA LYS C 129 -1.56 26.65 5.17
C LYS C 129 -1.85 27.68 4.07
N PRO C 130 -3.12 28.00 3.80
CA PRO C 130 -3.46 28.94 2.73
C PRO C 130 -2.74 30.28 2.79
N GLY C 131 -2.63 30.97 1.66
CA GLY C 131 -1.91 32.23 1.59
C GLY C 131 -0.41 32.12 1.33
N THR C 132 0.13 30.91 1.21
CA THR C 132 1.56 30.64 1.12
C THR C 132 1.91 30.21 -0.31
N TRP C 133 2.52 31.13 -1.07
CA TRP C 133 2.93 30.85 -2.45
C TRP C 133 4.26 30.10 -2.51
N SER C 141 -6.37 26.91 -5.84
CA SER C 141 -5.61 25.74 -5.43
C SER C 141 -6.39 24.47 -5.82
N LEU C 142 -5.65 23.49 -6.35
CA LEU C 142 -6.26 22.33 -7.00
C LEU C 142 -6.95 21.40 -6.01
N GLY C 143 -6.35 20.26 -5.71
CA GLY C 143 -7.08 19.18 -5.06
C GLY C 143 -6.48 17.82 -5.39
N PHE C 144 -6.83 16.83 -4.58
CA PHE C 144 -6.00 15.65 -4.39
C PHE C 144 -6.88 14.42 -4.12
N GLY C 145 -6.69 13.34 -4.89
CA GLY C 145 -7.53 12.17 -4.72
C GLY C 145 -7.33 10.99 -5.67
N TYR C 146 -8.43 10.54 -6.29
CA TYR C 146 -8.43 9.31 -7.07
C TYR C 146 -8.96 9.56 -8.48
N PRO C 147 -8.10 9.62 -9.49
CA PRO C 147 -8.61 9.70 -10.88
C PRO C 147 -9.44 8.50 -11.27
N LYS C 148 -9.07 7.33 -10.79
CA LYS C 148 -9.84 6.12 -11.04
C LYS C 148 -10.40 5.59 -9.73
N PHE C 149 -11.29 6.35 -9.10
CA PHE C 149 -11.94 5.84 -7.89
C PHE C 149 -12.71 4.57 -8.21
N ILE C 150 -13.61 4.63 -9.18
CA ILE C 150 -14.45 3.49 -9.53
C ILE C 150 -14.74 3.53 -11.03
N SER C 151 -14.75 2.35 -11.65
CA SER C 151 -14.93 2.22 -13.10
C SER C 151 -16.36 2.53 -13.51
N HIS C 152 -16.53 2.96 -14.76
CA HIS C 152 -17.87 3.15 -15.29
C HIS C 152 -18.64 1.84 -15.29
N GLN C 153 -17.95 0.73 -15.56
CA GLN C 153 -18.61 -0.57 -15.53
C GLN C 153 -19.02 -0.92 -14.10
N ASP C 154 -18.12 -0.68 -13.14
CA ASP C 154 -18.38 -1.05 -11.75
C ASP C 154 -19.51 -0.22 -11.11
N ILE C 155 -19.51 1.10 -11.34
CA ILE C 155 -20.54 1.91 -10.68
C ILE C 155 -21.92 1.49 -11.12
N ARG C 156 -22.03 0.83 -12.28
CA ARG C 156 -23.31 0.34 -12.76
C ARG C 156 -23.69 -0.97 -12.11
N LYS C 157 -22.86 -1.47 -11.17
CA LYS C 157 -23.05 -2.82 -10.64
C LYS C 157 -24.12 -2.86 -9.57
N ARG C 158 -23.77 -2.77 -8.28
CA ARG C 158 -24.72 -3.18 -7.26
C ARG C 158 -25.85 -2.16 -7.09
N ASN C 159 -25.79 -1.25 -6.12
CA ASN C 159 -26.74 -0.14 -6.08
C ASN C 159 -26.02 1.20 -5.85
N TYR C 160 -24.83 1.33 -6.42
CA TYR C 160 -24.07 2.56 -6.31
C TYR C 160 -24.86 3.75 -6.85
N VAL C 161 -25.58 3.55 -7.94
CA VAL C 161 -26.57 4.50 -8.41
C VAL C 161 -27.94 3.92 -8.08
N ARG C 162 -28.87 4.78 -7.69
CA ARG C 162 -30.22 4.35 -7.36
C ARG C 162 -31.11 5.57 -7.22
N ASP C 163 -32.35 5.46 -7.71
CA ASP C 163 -33.26 6.61 -7.85
C ASP C 163 -32.50 7.83 -8.39
N ASP C 164 -31.54 7.56 -9.26
CA ASP C 164 -30.84 8.56 -10.05
C ASP C 164 -29.92 9.45 -9.20
N ALA C 165 -29.41 8.91 -8.10
CA ALA C 165 -28.50 9.63 -7.22
C ALA C 165 -27.39 8.69 -6.76
N VAL C 166 -26.27 9.29 -6.38
CA VAL C 166 -25.20 8.59 -5.71
C VAL C 166 -24.88 9.35 -4.43
N PHE C 167 -24.21 8.67 -3.51
CA PHE C 167 -23.78 9.24 -2.24
C PHE C 167 -22.27 9.11 -2.17
N ILE C 168 -21.58 10.22 -2.02
CA ILE C 168 -20.16 10.24 -1.70
C ILE C 168 -20.05 10.53 -0.20
N ARG C 169 -19.24 9.74 0.48
CA ARG C 169 -19.00 9.90 1.90
C ARG C 169 -17.52 10.19 2.11
N ALA C 170 -17.22 11.19 2.94
CA ALA C 170 -15.85 11.59 3.20
C ALA C 170 -15.70 11.78 4.70
N ALA C 171 -14.88 10.93 5.31
CA ALA C 171 -14.60 11.00 6.74
C ALA C 171 -13.15 11.41 6.97
N VAL C 172 -12.97 12.46 7.74
CA VAL C 172 -11.68 12.87 8.22
C VAL C 172 -11.56 12.36 9.64
N GLU C 173 -10.45 11.72 9.95
CA GLU C 173 -10.33 10.95 11.20
C GLU C 173 -8.93 11.10 11.76
N LEU C 174 -8.84 11.04 13.08
CA LEU C 174 -7.63 11.08 13.88
C LEU C 174 -7.20 9.66 14.26
N PRO C 175 -6.01 9.47 14.88
CA PRO C 175 -5.53 8.23 15.49
C PRO C 175 -6.61 7.22 15.90
N LEU D 1 -15.87 -35.70 2.45
CA LEU D 1 -15.17 -36.02 3.69
C LEU D 1 -15.19 -34.81 4.63
N ARG D 2 -14.20 -34.74 5.52
CA ARG D 2 -14.12 -33.74 6.56
C ARG D 2 -13.16 -32.62 6.14
N VAL D 3 -13.18 -31.54 6.95
CA VAL D 3 -12.44 -30.28 6.64
C VAL D 3 -12.38 -29.29 7.80
N ALA D 4 -11.22 -28.63 7.92
CA ALA D 4 -11.06 -27.41 8.75
C ALA D 4 -11.00 -26.30 7.69
N PRO D 5 -12.14 -25.79 7.20
CA PRO D 5 -12.19 -24.91 6.07
C PRO D 5 -11.82 -23.48 6.46
N GLN D 6 -11.62 -22.64 5.48
CA GLN D 6 -11.12 -21.33 5.90
C GLN D 6 -12.37 -20.56 5.42
N SER D 7 -12.56 -19.33 5.88
CA SER D 7 -13.88 -18.70 5.73
C SER D 7 -14.09 -18.16 4.30
N SER D 8 -15.31 -17.71 4.02
CA SER D 8 -15.74 -17.69 2.63
C SER D 8 -16.81 -16.64 2.34
N GLU D 9 -17.05 -16.43 1.05
CA GLU D 9 -18.18 -15.64 0.53
C GLU D 9 -18.78 -16.35 -0.66
N PHE D 10 -20.07 -16.12 -0.88
CA PHE D 10 -20.87 -16.84 -1.88
C PHE D 10 -20.36 -16.68 -3.33
#